data_8D52
#
_entry.id   8D52
#
_cell.length_a   57.383
_cell.length_b   57.383
_cell.length_c   205.208
_cell.angle_alpha   90.000
_cell.angle_beta   90.000
_cell.angle_gamma   120.000
#
_symmetry.space_group_name_H-M   'H 3 2'
#
loop_
_entity.id
_entity.type
_entity.pdbx_description
1 polymer 'Parathyroid hormone/parathyroid hormone-related peptide receptor'
2 polymer PTHrP[1-36]
3 non-polymer 1,2-ETHANEDIOL
4 non-polymer 'ZINC ION'
5 water water
#
loop_
_entity_poly.entity_id
_entity_poly.type
_entity_poly.pdbx_seq_one_letter_code
_entity_poly.pdbx_strand_id
1 'polypeptide(L)'
;GDDVMTKEEQIFLLHRAQAQCEKRLKEVLQRPAGRPCLPEWDHILCWPLGAPGEVVAVPCPDYIYDFNHKGHAYRRCDRN
GSWELVPGHNRTWANYSECVKFL
;
A
2 'polypeptide(L)' IQDLRRRFFLHHLIAE(QF0)HTAEI B
#
loop_
_chem_comp.id
_chem_comp.type
_chem_comp.name
_chem_comp.formula
EDO non-polymer 1,2-ETHANEDIOL 'C2 H6 O2'
QF0 non-polymer '(3S)-3-amino-4-(naphthalen-2-yl)butanoic acid' 'C14 H15 N O2'
ZN non-polymer 'ZINC ION' 'Zn 2'
#
# COMPACT_ATOMS: atom_id res chain seq x y z
N ASP A 3 18.39 8.08 9.73
CA ASP A 3 19.51 7.17 9.94
C ASP A 3 19.28 5.86 9.18
N VAL A 4 20.37 5.17 8.86
CA VAL A 4 20.32 3.93 8.10
C VAL A 4 19.46 2.91 8.84
N MET A 5 18.22 2.76 8.40
CA MET A 5 17.30 1.82 9.02
C MET A 5 17.67 0.39 8.65
N THR A 6 17.58 -0.51 9.62
CA THR A 6 17.89 -1.91 9.38
C THR A 6 16.63 -2.65 8.91
N LYS A 7 16.87 -3.85 8.35
CA LYS A 7 15.75 -4.68 7.91
C LYS A 7 14.82 -5.02 9.07
N GLU A 8 15.40 -5.29 10.24
CA GLU A 8 14.58 -5.63 11.41
C GLU A 8 13.76 -4.43 11.86
N GLU A 9 14.35 -3.23 11.84
CA GLU A 9 13.60 -2.03 12.17
C GLU A 9 12.48 -1.79 11.15
N GLN A 10 12.78 -2.01 9.87
CA GLN A 10 11.77 -1.81 8.84
C GLN A 10 10.61 -2.77 9.01
N ILE A 11 10.90 -4.03 9.31
CA ILE A 11 9.84 -5.02 9.51
C ILE A 11 9.01 -4.66 10.74
N PHE A 12 9.66 -4.14 11.78
CA PHE A 12 8.94 -3.74 12.98
C PHE A 12 7.93 -2.63 12.66
N LEU A 13 8.37 -1.63 11.89
CA LEU A 13 7.47 -0.54 11.53
C LEU A 13 6.32 -1.03 10.67
N LEU A 14 6.57 -2.02 9.81
CA LEU A 14 5.50 -2.59 9.01
C LEU A 14 4.47 -3.29 9.88
N HIS A 15 4.93 -4.06 10.88
CA HIS A 15 4.01 -4.70 11.81
C HIS A 15 3.21 -3.67 12.58
N ARG A 16 3.84 -2.56 12.96
CA ARG A 16 3.12 -1.49 13.64
C ARG A 16 2.11 -0.83 12.70
N ALA A 17 2.51 -0.61 11.44
CA ALA A 17 1.58 -0.04 10.47
C ALA A 17 0.47 -1.02 10.12
N GLN A 18 0.80 -2.32 10.07
CA GLN A 18 -0.22 -3.33 9.82
C GLN A 18 -1.23 -3.38 10.96
N ALA A 19 -0.77 -3.17 12.19
CA ALA A 19 -1.67 -3.13 13.33
C ALA A 19 -2.62 -1.94 13.25
N GLN A 20 -2.11 -0.78 12.82
CA GLN A 20 -2.96 0.37 12.60
C GLN A 20 -4.00 0.11 11.53
N CYS A 21 -3.64 -0.69 10.52
CA CYS A 21 -4.60 -1.01 9.45
C CYS A 21 -5.71 -1.92 9.95
N GLU A 22 -5.41 -2.80 10.90
CA GLU A 22 -6.44 -3.66 11.47
C GLU A 22 -7.50 -2.83 12.18
N LYS A 23 -7.08 -1.78 12.90
CA LYS A 23 -8.03 -0.94 13.61
C LYS A 23 -8.93 -0.18 12.65
N ARG A 24 -8.32 0.53 11.68
CA ARG A 24 -9.10 1.28 10.70
C ARG A 24 -10.10 0.39 9.98
N LEU A 25 -9.77 -0.89 9.82
CA LEU A 25 -10.72 -1.82 9.16
C LEU A 25 -11.85 -2.10 10.15
N LYS A 26 -11.52 -2.58 11.34
CA LYS A 26 -12.57 -2.96 12.34
C LYS A 26 -13.52 -1.79 12.57
N GLU A 27 -13.00 -0.58 12.79
CA GLU A 27 -13.84 0.61 13.04
C GLU A 27 -14.84 0.79 11.90
N VAL A 28 -14.35 0.84 10.66
CA VAL A 28 -15.23 1.08 9.48
C VAL A 28 -16.24 -0.07 9.39
N LEU A 29 -15.79 -1.29 9.70
CA LEU A 29 -16.67 -2.46 9.57
C LEU A 29 -17.63 -2.48 10.76
N GLN A 30 -17.47 -1.56 11.71
CA GLN A 30 -18.40 -1.41 12.84
C GLN A 30 -19.30 -0.19 12.56
N ARG A 31 -18.84 0.75 11.74
CA ARG A 31 -19.68 1.91 11.34
C ARG A 31 -19.95 1.78 9.83
N PRO A 32 -20.69 0.76 9.28
CA PRO A 32 -20.78 0.59 7.83
C PRO A 32 -21.71 1.62 7.20
N ALA A 33 -21.38 2.00 5.96
CA ALA A 33 -22.16 2.99 5.24
C ALA A 33 -21.86 2.88 3.75
N GLY A 34 -22.90 2.73 2.94
CA GLY A 34 -22.77 2.70 1.51
C GLY A 34 -21.96 1.51 1.03
N ARG A 35 -21.41 1.66 -0.18
CA ARG A 35 -20.59 0.63 -0.81
C ARG A 35 -19.28 1.23 -1.33
N PRO A 36 -18.42 1.71 -0.44
CA PRO A 36 -17.10 2.16 -0.86
C PRO A 36 -16.12 0.99 -0.83
N CYS A 37 -14.93 1.23 -1.37
CA CYS A 37 -13.87 0.24 -1.28
C CYS A 37 -13.37 0.18 0.16
N LEU A 38 -13.24 -1.05 0.68
CA LEU A 38 -12.94 -1.25 2.08
C LEU A 38 -11.45 -1.03 2.35
N PRO A 39 -11.09 -0.62 3.57
CA PRO A 39 -9.67 -0.53 3.94
C PRO A 39 -9.00 -1.88 3.75
N GLU A 40 -7.74 -1.83 3.31
CA GLU A 40 -7.05 -3.04 2.89
C GLU A 40 -5.56 -2.88 3.14
N TRP A 41 -4.95 -3.91 3.73
CA TRP A 41 -3.51 -3.94 3.97
C TRP A 41 -2.87 -4.79 2.89
N ASP A 42 -1.94 -4.19 2.12
CA ASP A 42 -1.29 -4.88 1.02
C ASP A 42 0.17 -5.21 1.32
N HIS A 43 0.52 -5.33 2.59
CA HIS A 43 1.85 -5.64 3.11
C HIS A 43 2.82 -4.46 3.02
N ILE A 44 2.42 -3.34 2.43
CA ILE A 44 3.26 -2.15 2.39
C ILE A 44 2.58 -1.03 3.17
N LEU A 45 1.35 -0.70 2.81
CA LEU A 45 0.63 0.40 3.42
C LEU A 45 -0.83 0.01 3.59
N CYS A 46 -1.58 0.89 4.25
CA CYS A 46 -3.00 0.69 4.50
C CYS A 46 -3.80 1.57 3.56
N TRP A 47 -4.45 0.95 2.59
CA TRP A 47 -5.31 1.69 1.68
C TRP A 47 -6.60 2.07 2.40
N PRO A 48 -7.01 3.35 2.36
CA PRO A 48 -8.18 3.76 3.14
C PRO A 48 -9.48 3.49 2.42
N LEU A 49 -10.58 4.04 2.93
CA LEU A 49 -11.85 3.98 2.22
C LEU A 49 -11.74 4.67 0.88
N GLY A 50 -12.12 3.96 -0.18
CA GLY A 50 -12.04 4.49 -1.53
C GLY A 50 -13.40 4.94 -2.03
N ALA A 51 -13.43 6.14 -2.58
CA ALA A 51 -14.65 6.61 -3.24
C ALA A 51 -14.89 5.79 -4.51
N PRO A 52 -16.08 5.22 -4.68
CA PRO A 52 -16.31 4.35 -5.84
C PRO A 52 -16.20 5.11 -7.15
N GLY A 53 -15.58 4.46 -8.13
CA GLY A 53 -15.41 5.04 -9.45
C GLY A 53 -14.22 5.96 -9.62
N GLU A 54 -13.34 6.04 -8.63
CA GLU A 54 -12.25 7.02 -8.64
C GLU A 54 -10.93 6.37 -8.29
N VAL A 55 -9.86 7.03 -8.70
CA VAL A 55 -8.51 6.65 -8.32
C VAL A 55 -8.26 7.10 -6.88
N VAL A 56 -7.73 6.21 -6.06
CA VAL A 56 -7.42 6.50 -4.66
C VAL A 56 -5.92 6.70 -4.55
N ALA A 57 -5.51 7.87 -4.06
CA ALA A 57 -4.10 8.23 -3.94
C ALA A 57 -3.70 8.26 -2.47
N VAL A 58 -2.59 7.62 -2.14
CA VAL A 58 -2.08 7.52 -0.79
C VAL A 58 -0.63 8.00 -0.79
N PRO A 59 -0.25 8.94 0.07
CA PRO A 59 1.16 9.35 0.14
C PRO A 59 2.06 8.15 0.44
N CYS A 60 3.20 8.10 -0.24
CA CYS A 60 4.15 7.01 -0.01
C CYS A 60 4.52 6.98 1.47
N PRO A 61 4.35 5.85 2.15
CA PRO A 61 4.42 5.84 3.62
C PRO A 61 5.78 6.30 4.14
N ASP A 62 5.74 7.09 5.22
CA ASP A 62 6.97 7.63 5.81
C ASP A 62 7.80 6.56 6.50
N TYR A 63 7.21 5.44 6.88
CA TYR A 63 7.95 4.41 7.60
C TYR A 63 8.76 3.50 6.67
N ILE A 64 8.55 3.58 5.36
CA ILE A 64 9.39 2.87 4.40
C ILE A 64 10.59 3.75 4.08
N TYR A 65 11.79 3.26 4.42
CA TYR A 65 12.99 4.10 4.34
C TYR A 65 13.34 4.42 2.89
N ASP A 66 13.23 3.45 2.00
CA ASP A 66 13.64 3.62 0.61
C ASP A 66 12.53 4.21 -0.27
N PHE A 67 11.59 4.94 0.31
CA PHE A 67 10.47 5.51 -0.43
C PHE A 67 10.65 7.01 -0.59
N ASN A 68 10.28 7.52 -1.77
CA ASN A 68 10.14 8.96 -1.96
C ASN A 68 8.87 9.41 -1.25
N HIS A 69 9.03 10.12 -0.15
CA HIS A 69 7.90 10.51 0.68
C HIS A 69 7.18 11.75 0.18
N LYS A 70 7.57 12.25 -0.99
CA LYS A 70 6.86 13.34 -1.66
C LYS A 70 5.90 12.83 -2.73
N GLY A 71 5.91 11.53 -3.01
CA GLY A 71 5.05 10.96 -4.02
C GLY A 71 3.83 10.26 -3.43
N HIS A 72 3.05 9.64 -4.31
CA HIS A 72 1.84 8.93 -3.93
C HIS A 72 1.81 7.57 -4.61
N ALA A 73 1.15 6.61 -3.94
CA ALA A 73 0.77 5.35 -4.53
C ALA A 73 -0.71 5.41 -4.90
N TYR A 74 -1.09 4.62 -5.90
CA TYR A 74 -2.43 4.73 -6.46
C TYR A 74 -3.09 3.36 -6.57
N ARG A 75 -4.39 3.35 -6.31
CA ARG A 75 -5.26 2.20 -6.57
C ARG A 75 -6.50 2.71 -7.31
N ARG A 76 -7.24 1.77 -7.89
CA ARG A 76 -8.47 2.08 -8.61
C ARG A 76 -9.64 1.43 -7.88
N CYS A 77 -10.62 2.25 -7.50
CA CYS A 77 -11.85 1.77 -6.88
C CYS A 77 -12.98 1.92 -7.89
N ASP A 78 -13.57 0.80 -8.29
CA ASP A 78 -14.62 0.83 -9.30
C ASP A 78 -15.95 1.24 -8.67
N ARG A 79 -16.97 1.39 -9.51
CA ARG A 79 -18.28 1.83 -9.04
C ARG A 79 -19.01 0.77 -8.21
N ASN A 80 -18.47 -0.43 -8.11
CA ASN A 80 -19.04 -1.48 -7.28
C ASN A 80 -18.44 -1.54 -5.88
N GLY A 81 -17.50 -0.67 -5.56
CA GLY A 81 -16.86 -0.71 -4.27
C GLY A 81 -15.83 -1.81 -4.10
N SER A 82 -15.31 -2.35 -5.20
CA SER A 82 -14.25 -3.34 -5.17
C SER A 82 -12.98 -2.74 -5.76
N TRP A 83 -11.84 -3.08 -5.16
CA TRP A 83 -10.57 -2.63 -5.71
C TRP A 83 -10.33 -3.32 -7.05
N GLU A 84 -10.05 -2.51 -8.07
CA GLU A 84 -9.96 -3.05 -9.43
C GLU A 84 -8.75 -3.96 -9.57
N LEU A 85 -8.94 -5.04 -10.34
CA LEU A 85 -7.84 -5.93 -10.64
C LEU A 85 -7.04 -5.40 -11.83
N VAL A 86 -5.80 -5.88 -11.94
CA VAL A 86 -5.04 -5.63 -13.16
C VAL A 86 -5.74 -6.31 -14.33
N PRO A 87 -5.92 -5.64 -15.46
CA PRO A 87 -6.52 -6.32 -16.62
C PRO A 87 -5.70 -7.54 -17.02
N GLY A 88 -6.39 -8.66 -17.22
CA GLY A 88 -5.76 -9.89 -17.65
C GLY A 88 -5.06 -10.67 -16.56
N HIS A 89 -5.07 -10.18 -15.32
CA HIS A 89 -4.43 -10.87 -14.20
C HIS A 89 -5.37 -10.87 -13.01
N ASN A 90 -5.04 -11.71 -12.02
CA ASN A 90 -5.88 -11.89 -10.83
C ASN A 90 -5.28 -11.20 -9.60
N ARG A 91 -4.71 -10.01 -9.78
CA ARG A 91 -4.09 -9.27 -8.70
C ARG A 91 -4.65 -7.86 -8.67
N THR A 92 -4.74 -7.30 -7.47
CA THR A 92 -5.25 -5.94 -7.30
C THR A 92 -4.28 -4.93 -7.90
N TRP A 93 -4.80 -4.04 -8.74
CA TRP A 93 -3.97 -3.06 -9.43
C TRP A 93 -3.48 -2.00 -8.44
N ALA A 94 -2.18 -1.74 -8.45
CA ALA A 94 -1.59 -0.69 -7.65
C ALA A 94 -0.38 -0.14 -8.37
N ASN A 95 -0.21 1.18 -8.32
CA ASN A 95 0.91 1.87 -8.95
C ASN A 95 1.77 2.48 -7.85
N TYR A 96 2.99 1.95 -7.69
CA TYR A 96 3.95 2.42 -6.70
C TYR A 96 5.14 3.13 -7.34
N SER A 97 5.03 3.51 -8.62
CA SER A 97 6.20 4.00 -9.34
C SER A 97 6.73 5.31 -8.77
N GLU A 98 5.86 6.14 -8.22
CA GLU A 98 6.32 7.39 -7.61
C GLU A 98 7.10 7.17 -6.32
N CYS A 99 6.82 6.10 -5.61
CA CYS A 99 7.43 5.89 -4.29
C CYS A 99 8.84 5.35 -4.45
N VAL A 100 9.15 4.78 -5.58
CA VAL A 100 10.43 4.05 -5.66
C VAL A 100 11.23 4.39 -6.91
N LYS A 101 12.54 4.32 -6.79
CA LYS A 101 13.44 4.73 -7.90
C LYS A 101 13.49 3.65 -8.99
N PHE A 102 13.46 2.38 -8.61
CA PHE A 102 13.57 1.30 -9.59
C PHE A 102 12.22 0.93 -10.20
N LEU A 103 11.33 1.91 -10.39
CA LEU A 103 10.05 1.68 -11.06
C LEU A 103 9.66 2.89 -11.90
CA ILE B 1 23.17 1.54 -0.85
C ILE B 1 22.51 1.22 0.50
N GLN B 2 23.12 1.71 1.57
CA GLN B 2 22.64 1.50 2.95
C GLN B 2 22.57 0.00 3.20
N ASP B 3 21.55 -0.48 3.92
CA ASP B 3 21.40 -1.90 4.19
C ASP B 3 20.82 -2.58 2.95
N LEU B 4 21.64 -3.40 2.29
CA LEU B 4 21.13 -4.16 1.15
C LEU B 4 20.09 -5.17 1.58
N ARG B 5 20.19 -5.70 2.80
CA ARG B 5 19.14 -6.58 3.32
C ARG B 5 17.80 -5.86 3.40
N ARG B 6 17.81 -4.61 3.87
CA ARG B 6 16.58 -3.82 3.89
C ARG B 6 16.11 -3.52 2.47
N ARG B 7 17.03 -3.08 1.61
CA ARG B 7 16.66 -2.75 0.24
C ARG B 7 16.09 -3.97 -0.49
N PHE B 8 16.80 -5.10 -0.41
CA PHE B 8 16.36 -6.28 -1.15
C PHE B 8 15.08 -6.87 -0.56
N PHE B 9 14.82 -6.63 0.72
CA PHE B 9 13.53 -6.99 1.29
C PHE B 9 12.42 -6.16 0.68
N LEU B 10 12.65 -4.87 0.51
CA LEU B 10 11.64 -4.01 -0.12
C LEU B 10 11.47 -4.36 -1.60
N HIS B 11 12.51 -4.88 -2.26
CA HIS B 11 12.37 -5.38 -3.62
C HIS B 11 11.25 -6.40 -3.71
N HIS B 12 11.15 -7.29 -2.71
CA HIS B 12 10.14 -8.34 -2.74
C HIS B 12 8.74 -7.78 -2.51
N LEU B 13 8.60 -6.89 -1.52
CA LEU B 13 7.29 -6.28 -1.26
C LEU B 13 6.80 -5.50 -2.48
N ILE B 14 7.68 -4.72 -3.11
CA ILE B 14 7.29 -3.94 -4.27
C ILE B 14 6.99 -4.85 -5.46
N ALA B 15 7.74 -5.95 -5.60
CA ALA B 15 7.58 -6.82 -6.76
C ALA B 15 6.21 -7.48 -6.78
N GLU B 16 5.71 -7.89 -5.62
CA GLU B 16 4.42 -8.56 -5.57
C GLU B 16 3.27 -7.61 -5.24
C02 QF0 B 17 3.92 -11.14 0.07
C03 QF0 B 17 3.96 -9.84 -0.37
C04 QF0 B 17 2.85 -9.27 -1.02
C05 QF0 B 17 2.91 -8.08 -1.41
C06 QF0 B 17 1.97 -7.34 -2.05
C07 QF0 B 17 0.67 -8.07 -2.31
C08 QF0 B 17 0.66 -9.50 -1.81
C09 QF0 B 17 1.78 -10.00 -1.19
C10 QF0 B 17 1.72 -11.33 -0.74
C11 QF0 B 17 2.18 -5.87 -2.46
N QF0 B 17 3.51 -6.66 -4.34
CB QF0 B 17 2.97 -4.29 -4.16
C QF0 B 17 2.57 -3.70 -5.51
O QF0 B 17 1.36 -3.57 -5.83
CA QF0 B 17 2.48 -5.71 -3.96
C01 QF0 B 17 2.80 -11.88 -0.11
N HIS B 18 3.58 -3.34 -6.31
CA HIS B 18 3.37 -2.75 -7.63
C HIS B 18 2.94 -3.80 -8.66
N THR B 19 1.66 -3.76 -9.04
CA THR B 19 1.09 -4.78 -9.95
C THR B 19 0.81 -4.22 -11.33
N ALA B 20 0.80 -2.90 -11.47
CA ALA B 20 0.70 -2.31 -12.81
C ALA B 20 1.93 -2.82 -13.52
N GLU B 21 1.79 -3.60 -14.56
CA GLU B 21 3.05 -4.21 -15.08
C GLU B 21 3.70 -3.29 -16.12
C1 EDO C . 13.64 -5.55 -8.04
O1 EDO C . 13.45 -4.35 -8.81
C2 EDO C . 12.85 -6.69 -8.65
O2 EDO C . 13.08 -7.89 -7.91
ZN ZN D . 15.42 -11.95 -2.38
#